data_6HZI
#
_entry.id   6HZI
#
_cell.length_a   106.394
_cell.length_b   106.394
_cell.length_c   95.678
_cell.angle_alpha   90.00
_cell.angle_beta   90.00
_cell.angle_gamma   90.00
#
_symmetry.space_group_name_H-M   'P 41 21 2'
#
loop_
_entity.id
_entity.type
_entity.pdbx_description
1 polymer 'Peptidoglycan D,D-transpeptidase FtsI'
2 water water
#
_entity_poly.entity_id   1
_entity_poly.type   'polypeptide(L)'
_entity_poly.pdbx_seq_one_letter_code
;GPGYQDPLSIDSKIQYITYTNLKAAVEKFHAKAGAAMVIDVQTGEVLSLVNYPGRNRVLTDVFEPGSIMKPFTVSLALDL
HRVTPNTLVETGNGHFVLDGAPITDDSGFGTLTVGGVIQKSSNIGATKIAMTMKPEEMWNMYTGIGLGQAPKVGFPGAAA
GRLRPWKNWRRIEQATMSYGYGLSVSLFQLARAYTAIAHDGELMPVTIFKTNDAQPPTGPRVFSPTTAREVRTMLESVVS
PQGTSPNAAVPGYRVGGKSGTAYKQVGRGYDHKKYRASFVGMAPMPNPRIVVAVSVDEPTTGGHFGGQVSGPVFSAIVGD
TLRALNVPPNMPVKQLVVSDDATNAAAAQKLAANAPAKRLIVSSTTHNRPGVVR
;
_entity_poly.pdbx_strand_id   A
#
# COMPACT_ATOMS: atom_id res chain seq x y z
N GLY A 1 -21.85 16.94 9.53
CA GLY A 1 -20.69 17.83 9.30
C GLY A 1 -20.22 18.47 10.61
N PRO A 2 -20.58 19.72 10.93
CA PRO A 2 -19.92 20.44 12.04
C PRO A 2 -20.27 19.86 13.44
N GLY A 3 -19.29 19.89 14.34
CA GLY A 3 -19.43 19.31 15.67
C GLY A 3 -18.24 19.60 16.56
N TYR A 4 -18.30 19.14 17.82
CA TYR A 4 -17.31 19.44 18.87
C TYR A 4 -15.90 18.92 18.46
N GLN A 5 -15.82 17.92 17.59
CA GLN A 5 -14.51 17.30 17.27
C GLN A 5 -13.75 18.21 16.28
N ASP A 6 -14.45 19.13 15.60
CA ASP A 6 -13.85 20.13 14.70
C ASP A 6 -12.82 20.90 15.51
N PRO A 7 -11.68 21.34 14.94
CA PRO A 7 -11.35 21.16 13.52
C PRO A 7 -10.44 19.98 13.13
N LEU A 8 -10.22 19.04 14.04
CA LEU A 8 -9.55 17.76 13.70
C LEU A 8 -10.44 16.92 12.78
N SER A 9 -9.82 16.12 11.92
CA SER A 9 -10.50 15.28 10.89
C SER A 9 -10.73 13.90 11.51
N ILE A 10 -10.08 13.59 12.63
CA ILE A 10 -10.20 12.26 13.27
C ILE A 10 -11.62 12.07 13.77
N ASP A 11 -12.28 11.01 13.31
CA ASP A 11 -13.62 10.61 13.79
C ASP A 11 -13.42 9.66 14.98
N SER A 12 -13.85 10.05 16.19
CA SER A 12 -13.88 9.17 17.37
C SER A 12 -14.36 7.74 17.04
N LYS A 13 -15.45 7.53 16.26
CA LYS A 13 -15.98 6.16 15.95
C LYS A 13 -14.93 5.36 15.16
N ILE A 14 -14.40 5.96 14.12
CA ILE A 14 -13.44 5.28 13.21
C ILE A 14 -12.13 5.04 13.96
N GLN A 15 -11.75 5.97 14.80
CA GLN A 15 -10.53 5.85 15.62
C GLN A 15 -10.75 4.65 16.54
N TYR A 16 -11.92 4.55 17.15
CA TYR A 16 -12.16 3.45 18.12
C TYR A 16 -12.17 2.11 17.37
N ILE A 17 -12.93 2.04 16.29
CA ILE A 17 -12.96 0.87 15.38
C ILE A 17 -11.54 0.48 14.99
N THR A 18 -10.68 1.47 14.73
CA THR A 18 -9.31 1.21 14.22
C THR A 18 -8.51 0.64 15.40
N TYR A 19 -8.62 1.27 16.56
CA TYR A 19 -7.93 0.82 17.79
C TYR A 19 -8.35 -0.58 18.23
N THR A 20 -9.64 -0.95 18.25
CA THR A 20 -10.04 -2.30 18.76
C THR A 20 -9.48 -3.36 17.80
N ASN A 21 -9.60 -3.15 16.49
CA ASN A 21 -9.20 -4.16 15.49
C ASN A 21 -7.69 -4.34 15.54
N LEU A 22 -6.95 -3.25 15.58
CA LEU A 22 -5.49 -3.31 15.47
C LEU A 22 -4.99 -3.99 16.75
N LYS A 23 -5.52 -3.57 17.91
CA LYS A 23 -5.05 -4.06 19.23
C LYS A 23 -5.34 -5.56 19.31
N ALA A 24 -6.58 -5.96 18.96
CA ALA A 24 -7.01 -7.37 18.94
C ALA A 24 -6.01 -8.21 18.13
N ALA A 25 -5.59 -7.70 16.96
CA ALA A 25 -4.64 -8.37 16.03
C ALA A 25 -3.28 -8.48 16.70
N VAL A 26 -2.79 -7.38 17.25
CA VAL A 26 -1.43 -7.40 17.85
C VAL A 26 -1.38 -8.45 18.97
N GLU A 27 -2.49 -8.62 19.70
CA GLU A 27 -2.58 -9.50 20.89
C GLU A 27 -2.74 -10.95 20.39
N LYS A 28 -3.75 -11.21 19.56
CA LYS A 28 -4.08 -12.53 18.95
C LYS A 28 -2.88 -13.19 18.23
N PHE A 29 -1.96 -12.42 17.65
CA PHE A 29 -0.76 -12.89 16.90
C PHE A 29 0.49 -12.60 17.73
N HIS A 30 0.34 -12.20 18.98
CA HIS A 30 1.46 -11.96 19.93
C HIS A 30 2.56 -11.21 19.18
N ALA A 31 2.21 -10.05 18.64
CA ALA A 31 3.12 -9.27 17.77
C ALA A 31 3.84 -8.29 18.67
N LYS A 32 4.92 -7.68 18.18
CA LYS A 32 5.68 -6.65 18.93
C LYS A 32 4.89 -5.32 18.94
N ALA A 33 4.10 -5.05 17.91
CA ALA A 33 3.56 -3.70 17.60
C ALA A 33 2.71 -3.70 16.32
N GLY A 34 1.86 -2.69 16.24
CA GLY A 34 0.95 -2.52 15.10
C GLY A 34 0.71 -1.06 14.81
N ALA A 35 0.34 -0.74 13.58
CA ALA A 35 -0.08 0.62 13.17
C ALA A 35 -1.21 0.48 12.15
N ALA A 36 -2.14 1.42 12.17
CA ALA A 36 -3.23 1.47 11.19
C ALA A 36 -3.77 2.90 11.07
N MET A 37 -4.34 3.22 9.91
CA MET A 37 -4.93 4.56 9.66
C MET A 37 -5.92 4.50 8.49
N VAL A 38 -6.86 5.45 8.49
CA VAL A 38 -7.92 5.59 7.48
C VAL A 38 -7.86 7.01 6.98
N ILE A 39 -7.86 7.15 5.66
CA ILE A 39 -7.88 8.43 4.91
C ILE A 39 -9.16 8.51 4.10
N ASP A 40 -9.85 9.65 4.18
CA ASP A 40 -11.00 9.94 3.32
C ASP A 40 -10.44 10.32 1.95
N VAL A 41 -10.87 9.62 0.92
CA VAL A 41 -10.28 9.77 -0.43
C VAL A 41 -10.63 11.14 -1.00
N GLN A 42 -11.83 11.68 -0.78
CA GLN A 42 -12.29 12.93 -1.45
C GLN A 42 -11.51 14.13 -0.91
N THR A 43 -11.09 14.09 0.35
CA THR A 43 -10.56 15.29 1.04
C THR A 43 -9.10 15.10 1.46
N GLY A 44 -8.59 13.85 1.49
CA GLY A 44 -7.28 13.53 2.13
C GLY A 44 -7.28 13.70 3.64
N GLU A 45 -8.44 13.84 4.29
CA GLU A 45 -8.56 13.91 5.77
C GLU A 45 -8.24 12.56 6.39
N VAL A 46 -7.42 12.54 7.41
CA VAL A 46 -7.16 11.34 8.23
C VAL A 46 -8.36 11.12 9.16
N LEU A 47 -9.09 10.01 8.97
CA LEU A 47 -10.27 9.66 9.82
C LEU A 47 -9.78 8.90 11.05
N SER A 48 -8.64 8.23 10.97
CA SER A 48 -8.10 7.52 12.15
C SER A 48 -6.61 7.38 11.99
N LEU A 49 -5.95 7.25 13.13
CA LEU A 49 -4.49 7.19 13.17
C LEU A 49 -4.16 6.51 14.49
N VAL A 50 -3.66 5.27 14.41
CA VAL A 50 -3.61 4.37 15.57
C VAL A 50 -2.27 3.64 15.55
N ASN A 51 -1.63 3.64 16.71
CA ASN A 51 -0.47 2.78 17.00
C ASN A 51 -0.78 1.95 18.26
N TYR A 52 -0.52 0.65 18.28
CA TYR A 52 -0.61 -0.17 19.51
C TYR A 52 0.69 -0.91 19.72
N PRO A 53 1.44 -0.64 20.81
CA PRO A 53 1.16 0.46 21.76
C PRO A 53 1.03 1.90 21.25
N ARG A 55 3.27 4.57 21.05
CA ARG A 55 4.20 5.53 20.38
C ARG A 55 3.76 5.65 18.92
N ASN A 56 4.23 6.67 18.19
CA ASN A 56 3.69 7.06 16.84
C ASN A 56 4.50 6.41 15.68
N ARG A 57 4.52 5.07 15.59
CA ARG A 57 5.50 4.31 14.75
C ARG A 57 5.09 4.44 13.28
N VAL A 58 3.81 4.71 13.12
CA VAL A 58 3.09 5.07 11.85
C VAL A 58 3.82 6.16 11.08
N LEU A 59 4.32 7.16 11.80
CA LEU A 59 5.03 8.32 11.24
C LEU A 59 6.55 8.20 11.41
N THR A 60 7.03 7.49 12.45
CA THR A 60 8.49 7.41 12.82
C THR A 60 9.17 6.18 12.21
N ASP A 61 8.50 5.03 12.12
CA ASP A 61 9.16 3.75 11.75
C ASP A 61 9.15 3.57 10.23
N VAL A 62 10.30 3.27 9.69
CA VAL A 62 10.45 3.10 8.22
C VAL A 62 10.85 1.67 7.97
N PHE A 63 10.45 1.10 6.82
CA PHE A 63 10.69 -0.30 6.45
C PHE A 63 10.69 -0.42 4.92
N GLU A 64 11.14 -1.57 4.45
CA GLU A 64 11.06 -1.91 3.02
C GLU A 64 9.60 -2.28 2.71
N PRO A 65 8.97 -1.53 1.81
CA PRO A 65 7.53 -1.71 1.54
C PRO A 65 7.22 -3.04 0.83
N GLY A 66 8.21 -3.61 0.11
CA GLY A 66 8.03 -4.91 -0.56
C GLY A 66 6.96 -4.81 -1.64
N SER A 67 6.10 -5.82 -1.72
CA SER A 67 5.14 -5.99 -2.84
C SER A 67 4.12 -4.85 -2.90
N ILE A 68 3.97 -4.07 -1.84
CA ILE A 68 3.02 -2.92 -1.79
C ILE A 68 3.41 -1.95 -2.89
N MET A 69 4.66 -2.01 -3.33
CA MET A 69 5.19 -1.07 -4.37
C MET A 69 4.83 -1.51 -5.80
N LYS A 70 4.45 -2.76 -6.01
CA LYS A 70 4.20 -3.30 -7.38
C LYS A 70 3.12 -2.48 -8.09
N PRO A 71 2.01 -2.07 -7.43
CA PRO A 71 1.00 -1.30 -8.14
C PRO A 71 1.52 0.04 -8.72
N PHE A 72 2.56 0.62 -8.08
CA PHE A 72 3.22 1.89 -8.47
C PHE A 72 4.17 1.59 -9.61
N THR A 73 4.86 0.43 -9.60
CA THR A 73 5.67 -0.01 -10.78
C THR A 73 4.73 -0.07 -11.99
N VAL A 74 3.60 -0.70 -11.84
CA VAL A 74 2.62 -0.87 -12.93
C VAL A 74 1.97 0.48 -13.26
N SER A 75 1.62 1.27 -12.25
CA SER A 75 1.01 2.62 -12.46
C SER A 75 1.91 3.41 -13.41
N LEU A 76 3.20 3.41 -13.16
CA LEU A 76 4.11 4.26 -13.96
C LEU A 76 4.15 3.72 -15.38
N ALA A 77 4.27 2.40 -15.52
CA ALA A 77 4.45 1.76 -16.83
C ALA A 77 3.18 2.01 -17.66
N LEU A 78 2.00 1.89 -17.07
CA LEU A 78 0.75 2.22 -17.76
C LEU A 78 0.79 3.69 -18.16
N ASP A 79 1.18 4.57 -17.22
CA ASP A 79 1.05 6.05 -17.40
C ASP A 79 2.02 6.53 -18.51
N LEU A 80 3.18 5.89 -18.66
CA LEU A 80 4.18 6.16 -19.72
C LEU A 80 3.85 5.41 -21.01
N HIS A 81 2.69 4.76 -21.12
CA HIS A 81 2.32 3.93 -22.28
C HIS A 81 3.43 2.93 -22.64
N ARG A 82 4.22 2.43 -21.69
CA ARG A 82 5.13 1.28 -21.93
C ARG A 82 4.35 -0.04 -21.95
N VAL A 83 3.21 -0.16 -21.30
CA VAL A 83 2.42 -1.41 -21.33
C VAL A 83 0.97 -1.00 -21.23
N THR A 84 0.05 -1.91 -21.60
CA THR A 84 -1.38 -1.79 -21.29
C THR A 84 -1.68 -2.82 -20.23
N PRO A 85 -2.90 -2.86 -19.68
CA PRO A 85 -3.22 -3.85 -18.65
C PRO A 85 -3.18 -5.29 -19.18
N ASN A 86 -3.27 -5.45 -20.51
CA ASN A 86 -3.32 -6.77 -21.20
C ASN A 86 -1.96 -7.12 -21.77
N THR A 87 -0.94 -6.30 -21.54
CA THR A 87 0.40 -6.61 -22.05
C THR A 87 0.82 -7.94 -21.40
N LEU A 88 1.45 -8.81 -22.18
CA LEU A 88 1.91 -10.12 -21.67
C LEU A 88 3.30 -9.99 -21.07
N VAL A 89 3.49 -10.59 -19.90
CA VAL A 89 4.80 -10.65 -19.20
C VAL A 89 5.14 -12.11 -18.91
N GLU A 90 6.26 -12.55 -19.42
CA GLU A 90 6.74 -13.95 -19.28
C GLU A 90 7.45 -14.07 -17.92
N THR A 91 6.92 -14.85 -16.98
CA THR A 91 7.59 -15.06 -15.66
C THR A 91 8.10 -16.49 -15.53
N GLY A 92 7.77 -17.36 -16.48
CA GLY A 92 8.30 -18.72 -16.60
C GLY A 92 8.06 -19.52 -15.33
N ASN A 93 9.10 -20.17 -14.84
CA ASN A 93 8.96 -21.19 -13.75
C ASN A 93 9.12 -20.56 -12.37
N GLY A 94 9.31 -19.24 -12.26
CA GLY A 94 9.46 -18.55 -10.96
C GLY A 94 10.91 -18.34 -10.55
N HIS A 95 11.86 -18.55 -11.48
CA HIS A 95 13.31 -18.33 -11.27
C HIS A 95 13.77 -17.55 -12.49
N PHE A 96 14.39 -16.40 -12.29
CA PHE A 96 14.92 -15.51 -13.35
C PHE A 96 16.23 -14.94 -12.85
N VAL A 97 17.16 -14.59 -13.74
CA VAL A 97 18.46 -14.04 -13.29
C VAL A 97 18.66 -12.70 -14.00
N LEU A 98 19.09 -11.67 -13.28
CA LEU A 98 19.34 -10.35 -13.89
C LEU A 98 20.70 -9.89 -13.39
N ASP A 99 21.62 -9.53 -14.31
CA ASP A 99 23.03 -9.18 -14.00
C ASP A 99 23.52 -10.14 -12.91
N GLY A 100 23.29 -11.44 -13.08
CA GLY A 100 23.86 -12.50 -12.25
C GLY A 100 23.19 -12.62 -10.90
N ALA A 101 22.18 -11.79 -10.62
CA ALA A 101 21.38 -11.90 -9.37
C ALA A 101 20.10 -12.71 -9.62
N PRO A 102 19.67 -13.54 -8.65
CA PRO A 102 18.46 -14.33 -8.80
C PRO A 102 17.22 -13.58 -8.30
N ILE A 103 16.11 -13.65 -9.05
CA ILE A 103 14.79 -13.08 -8.69
C ILE A 103 13.75 -14.21 -8.82
N THR A 104 12.94 -14.36 -7.79
CA THR A 104 12.16 -15.55 -7.45
C THR A 104 10.71 -15.12 -7.21
N ASP A 105 9.75 -15.84 -7.80
CA ASP A 105 8.32 -15.76 -7.46
C ASP A 105 8.02 -16.86 -6.43
N ASP A 106 6.89 -16.79 -5.72
CA ASP A 106 6.52 -17.81 -4.70
C ASP A 106 6.06 -19.05 -5.46
N SER A 107 5.79 -18.95 -6.75
CA SER A 107 5.61 -20.12 -7.63
C SER A 107 5.81 -19.68 -9.08
N GLY A 108 5.72 -20.64 -10.02
CA GLY A 108 5.92 -20.45 -11.48
C GLY A 108 4.60 -20.02 -12.09
N PHE A 109 4.46 -18.74 -12.50
CA PHE A 109 3.14 -18.22 -12.91
C PHE A 109 3.05 -18.22 -14.43
N GLY A 110 4.15 -18.55 -15.12
CA GLY A 110 4.16 -18.57 -16.59
C GLY A 110 3.79 -17.21 -17.18
N THR A 111 2.95 -17.23 -18.20
CA THR A 111 2.55 -16.01 -18.93
C THR A 111 1.43 -15.31 -18.15
N LEU A 112 1.70 -14.13 -17.64
CA LEU A 112 0.74 -13.24 -16.94
C LEU A 112 0.48 -12.03 -17.85
N THR A 113 -0.69 -11.43 -17.69
CA THR A 113 -0.89 -10.01 -18.08
C THR A 113 -0.33 -9.08 -17.02
N VAL A 114 -0.21 -7.80 -17.37
CA VAL A 114 0.29 -6.75 -16.42
C VAL A 114 -0.57 -6.78 -15.16
N GLY A 115 -1.88 -6.86 -15.34
CA GLY A 115 -2.83 -7.11 -14.26
C GLY A 115 -2.49 -8.36 -13.47
N GLY A 116 -2.25 -9.47 -14.18
CA GLY A 116 -1.80 -10.75 -13.60
C GLY A 116 -0.61 -10.56 -12.64
N VAL A 117 0.32 -9.68 -12.99
CA VAL A 117 1.56 -9.45 -12.18
C VAL A 117 1.12 -8.85 -10.84
N ILE A 118 0.15 -7.94 -10.82
CA ILE A 118 -0.36 -7.39 -9.54
C ILE A 118 -1.13 -8.49 -8.80
N GLN A 119 -1.97 -9.23 -9.51
CA GLN A 119 -2.86 -10.18 -8.85
C GLN A 119 -2.00 -11.25 -8.17
N LYS A 120 -0.94 -11.70 -8.82
CA LYS A 120 -0.18 -12.88 -8.34
C LYS A 120 1.02 -12.40 -7.56
N SER A 121 1.23 -11.10 -7.54
CA SER A 121 2.35 -10.46 -6.81
C SER A 121 3.66 -11.07 -7.34
N SER A 122 3.90 -11.00 -8.63
CA SER A 122 5.11 -11.57 -9.24
C SER A 122 6.26 -10.55 -9.20
N ASN A 123 7.33 -10.90 -8.47
CA ASN A 123 8.61 -10.15 -8.47
C ASN A 123 9.21 -10.10 -9.87
N ILE A 124 9.23 -11.24 -10.54
CA ILE A 124 9.80 -11.39 -11.90
C ILE A 124 9.01 -10.47 -12.82
N GLY A 125 7.68 -10.51 -12.75
CA GLY A 125 6.84 -9.67 -13.63
C GLY A 125 7.12 -8.19 -13.38
N ALA A 126 7.14 -7.77 -12.11
CA ALA A 126 7.46 -6.37 -11.71
C ALA A 126 8.80 -5.94 -12.32
N THR A 127 9.82 -6.78 -12.18
CA THR A 127 11.19 -6.48 -12.63
C THR A 127 11.13 -6.19 -14.13
N LYS A 128 10.44 -7.03 -14.88
CA LYS A 128 10.47 -6.95 -16.36
C LYS A 128 9.70 -5.72 -16.84
N ILE A 129 8.57 -5.43 -16.20
CA ILE A 129 7.86 -4.15 -16.39
C ILE A 129 8.83 -3.00 -16.03
N ALA A 130 9.55 -3.12 -14.91
CA ALA A 130 10.43 -2.02 -14.46
C ALA A 130 11.51 -1.77 -15.51
N MET A 131 12.00 -2.82 -16.17
CA MET A 131 13.13 -2.73 -17.14
C MET A 131 12.67 -1.99 -18.40
N THR A 132 11.39 -1.69 -18.55
CA THR A 132 10.94 -0.84 -19.68
C THR A 132 11.07 0.66 -19.32
N MET A 133 11.65 1.02 -18.17
CA MET A 133 11.62 2.44 -17.71
C MET A 133 13.00 2.82 -17.21
N LYS A 134 13.29 4.12 -17.21
CA LYS A 134 14.63 4.63 -16.77
C LYS A 134 14.58 4.89 -15.27
N PRO A 135 15.69 4.68 -14.53
CA PRO A 135 15.78 5.07 -13.12
C PRO A 135 15.17 6.45 -12.81
N GLU A 136 15.46 7.42 -13.66
CA GLU A 136 15.01 8.79 -13.42
C GLU A 136 13.49 8.78 -13.41
N GLU A 137 12.88 8.09 -14.35
CA GLU A 137 11.39 8.07 -14.49
C GLU A 137 10.78 7.57 -13.18
N MET A 138 11.38 6.55 -12.60
CA MET A 138 10.86 5.78 -11.44
C MET A 138 11.10 6.62 -10.18
N TRP A 139 12.31 7.16 -10.05
CA TRP A 139 12.69 8.09 -8.93
C TRP A 139 11.72 9.28 -8.97
N ASN A 140 11.43 9.83 -10.13
CA ASN A 140 10.51 10.98 -10.17
C ASN A 140 9.17 10.54 -9.62
N MET A 141 8.73 9.32 -9.96
CA MET A 141 7.38 8.85 -9.57
C MET A 141 7.38 8.62 -8.05
N TYR A 142 8.43 8.01 -7.54
CA TYR A 142 8.64 7.80 -6.08
C TYR A 142 8.56 9.15 -5.35
N THR A 143 9.22 10.15 -5.91
CA THR A 143 9.22 11.50 -5.33
C THR A 143 7.81 12.09 -5.51
N GLY A 144 7.20 11.94 -6.66
CA GLY A 144 5.82 12.44 -6.87
C GLY A 144 4.82 11.85 -5.88
N ILE A 145 4.99 10.60 -5.41
CA ILE A 145 3.93 10.01 -4.53
C ILE A 145 4.30 10.26 -3.07
N GLY A 146 5.45 10.92 -2.81
CA GLY A 146 5.77 11.50 -1.50
C GLY A 146 6.80 10.70 -0.76
N LEU A 147 7.43 9.76 -1.47
CA LEU A 147 8.44 8.88 -0.84
C LEU A 147 9.75 9.68 -0.67
N GLY A 148 10.52 9.33 0.36
CA GLY A 148 11.77 10.04 0.70
C GLY A 148 11.55 11.39 1.37
N GLN A 149 10.31 11.88 1.47
CA GLN A 149 9.98 13.20 2.10
C GLN A 149 9.20 12.99 3.42
N ALA A 150 9.65 13.57 4.52
CA ALA A 150 8.96 13.55 5.83
C ALA A 150 7.61 14.22 5.63
N PRO A 151 6.49 13.57 6.01
CA PRO A 151 5.21 14.25 5.97
C PRO A 151 5.20 15.41 6.96
N LYS A 152 4.54 16.49 6.60
CA LYS A 152 4.38 17.66 7.49
C LYS A 152 2.93 17.66 7.98
N VAL A 153 2.64 17.06 9.12
CA VAL A 153 1.26 16.94 9.63
C VAL A 153 1.23 17.42 11.08
N GLY A 154 2.23 18.16 11.50
CA GLY A 154 2.24 18.77 12.84
C GLY A 154 2.97 17.90 13.83
N PHE A 155 3.59 16.83 13.37
CA PHE A 155 4.30 15.88 14.24
C PHE A 155 5.79 16.01 13.96
N PRO A 156 6.56 16.48 14.94
CA PRO A 156 7.99 16.68 14.75
C PRO A 156 8.62 15.26 14.79
N GLY A 157 9.58 15.00 13.93
CA GLY A 157 10.23 13.67 13.92
C GLY A 157 9.50 12.66 13.05
N ALA A 158 8.62 13.10 12.15
CA ALA A 158 8.07 12.22 11.08
C ALA A 158 9.24 11.75 10.25
N ALA A 159 9.43 10.45 10.08
CA ALA A 159 10.47 9.86 9.20
C ALA A 159 10.27 10.26 7.75
N ALA A 160 11.38 10.56 7.06
CA ALA A 160 11.45 10.86 5.61
C ALA A 160 11.54 9.56 4.81
N GLY A 161 12.08 8.48 5.44
CA GLY A 161 12.46 7.24 4.75
C GLY A 161 13.67 7.44 3.84
N ARG A 162 14.16 6.37 3.22
CA ARG A 162 15.38 6.38 2.35
C ARG A 162 15.06 6.00 0.89
N LEU A 163 15.58 6.81 -0.01
CA LEU A 163 15.47 6.71 -1.47
C LEU A 163 16.87 6.99 -2.07
N ARG A 164 17.55 6.00 -2.63
CA ARG A 164 18.88 6.17 -3.28
C ARG A 164 18.68 7.11 -4.47
N PRO A 165 19.61 8.04 -4.72
CA PRO A 165 19.45 8.95 -5.86
C PRO A 165 19.62 8.15 -7.15
N TRP A 166 18.91 8.55 -8.19
CA TRP A 166 18.65 7.62 -9.31
C TRP A 166 19.93 7.36 -10.10
N LYS A 167 20.78 8.40 -10.29
CA LYS A 167 22.09 8.29 -11.00
C LYS A 167 22.98 7.26 -10.30
N ASN A 168 22.71 6.85 -9.06
CA ASN A 168 23.48 5.76 -8.39
C ASN A 168 22.86 4.38 -8.61
N TRP A 169 21.74 4.23 -9.33
CA TRP A 169 21.01 2.93 -9.37
C TRP A 169 21.74 1.98 -10.34
N ARG A 170 22.21 0.84 -9.83
CA ARG A 170 22.55 -0.35 -10.68
C ARG A 170 21.22 -0.92 -11.19
N ARG A 171 21.22 -1.58 -12.33
CA ARG A 171 19.97 -2.14 -12.95
C ARG A 171 19.27 -3.10 -11.99
N ILE A 172 20.00 -3.87 -11.19
CA ILE A 172 19.47 -4.82 -10.16
C ILE A 172 18.77 -4.08 -8.99
N GLU A 173 19.14 -2.82 -8.71
CA GLU A 173 18.47 -2.03 -7.65
C GLU A 173 17.12 -1.51 -8.19
N GLN A 174 17.08 -1.00 -9.42
CA GLN A 174 15.82 -0.75 -10.13
C GLN A 174 14.93 -1.99 -10.02
N ALA A 175 15.50 -3.19 -10.16
CA ALA A 175 14.69 -4.41 -10.11
C ALA A 175 14.12 -4.52 -8.71
N THR A 176 15.00 -4.58 -7.70
CA THR A 176 14.60 -4.82 -6.28
C THR A 176 13.56 -3.75 -5.93
N MET A 177 13.78 -2.50 -6.36
CA MET A 177 12.87 -1.40 -5.97
C MET A 177 11.50 -1.60 -6.66
N SER A 178 11.49 -2.22 -7.84
CA SER A 178 10.24 -2.49 -8.58
C SER A 178 9.33 -3.39 -7.74
N TYR A 179 9.89 -4.26 -6.89
CA TYR A 179 9.11 -5.11 -5.95
C TYR A 179 9.34 -4.70 -4.50
N GLY A 180 9.78 -3.46 -4.26
CA GLY A 180 9.74 -2.80 -2.94
C GLY A 180 10.89 -3.12 -2.01
N TYR A 181 12.08 -3.44 -2.52
CA TYR A 181 13.30 -3.61 -1.69
C TYR A 181 14.38 -2.65 -2.17
N GLY A 182 15.13 -2.15 -1.18
CA GLY A 182 16.24 -1.18 -1.36
C GLY A 182 15.73 0.23 -1.29
N LEU A 183 14.53 0.43 -0.77
CA LEU A 183 14.03 1.77 -0.35
C LEU A 183 13.28 1.56 0.96
N SER A 184 13.09 2.62 1.76
CA SER A 184 12.34 2.50 3.02
C SER A 184 11.29 3.61 3.04
N VAL A 185 10.14 3.30 3.65
CA VAL A 185 8.96 4.19 3.72
C VAL A 185 8.37 4.05 5.12
N SER A 186 7.51 4.99 5.54
CA SER A 186 6.63 4.82 6.71
C SER A 186 5.27 4.32 6.26
N LEU A 187 4.50 3.72 7.18
CA LEU A 187 3.14 3.30 6.81
C LEU A 187 2.36 4.53 6.38
N PHE A 188 2.63 5.69 6.99
CA PHE A 188 1.92 6.95 6.62
C PHE A 188 2.19 7.28 5.15
N GLN A 189 3.45 7.22 4.71
CA GLN A 189 3.78 7.52 3.30
C GLN A 189 3.01 6.59 2.35
N LEU A 190 2.83 5.33 2.73
CA LEU A 190 2.23 4.31 1.83
C LEU A 190 0.73 4.59 1.70
N ALA A 191 0.09 4.91 2.81
CA ALA A 191 -1.32 5.31 2.88
C ALA A 191 -1.51 6.53 1.99
N ARG A 192 -0.61 7.52 2.09
CA ARG A 192 -0.78 8.74 1.27
CA ARG A 192 -0.77 8.75 1.27
C ARG A 192 -0.57 8.38 -0.21
N ALA A 193 0.47 7.62 -0.53
CA ALA A 193 0.79 7.21 -1.91
C ALA A 193 -0.43 6.53 -2.55
N TYR A 194 -1.09 5.61 -1.83
CA TYR A 194 -2.29 4.88 -2.34
C TYR A 194 -3.49 5.84 -2.54
N THR A 195 -3.56 7.01 -1.87
CA THR A 195 -4.63 8.00 -2.15
C THR A 195 -4.51 8.46 -3.61
N ALA A 196 -3.32 8.47 -4.19
CA ALA A 196 -3.14 8.87 -5.61
C ALA A 196 -3.78 7.84 -6.56
N ILE A 197 -3.73 6.56 -6.22
CA ILE A 197 -4.47 5.53 -6.97
C ILE A 197 -5.95 5.68 -6.68
N ALA A 198 -6.34 5.99 -5.44
CA ALA A 198 -7.76 6.07 -5.08
C ALA A 198 -8.44 7.26 -5.78
N HIS A 199 -7.76 8.41 -5.80
CA HIS A 199 -8.33 9.73 -6.20
C HIS A 199 -7.98 10.01 -7.67
N ASP A 200 -8.18 8.99 -8.51
CA ASP A 200 -7.97 9.09 -9.97
C ASP A 200 -6.67 9.83 -10.31
N GLY A 201 -5.55 9.55 -9.63
CA GLY A 201 -4.20 9.93 -10.06
C GLY A 201 -3.66 11.15 -9.29
N GLU A 202 -4.54 11.82 -8.57
CA GLU A 202 -4.22 13.05 -7.79
C GLU A 202 -3.74 12.65 -6.40
N LEU A 203 -2.54 13.06 -6.03
CA LEU A 203 -1.98 12.92 -4.66
C LEU A 203 -2.60 14.00 -3.77
N MET A 204 -3.49 13.58 -2.88
CA MET A 204 -4.17 14.48 -1.93
C MET A 204 -3.22 14.78 -0.79
N PRO A 205 -3.25 16.05 -0.32
CA PRO A 205 -2.58 16.43 0.92
C PRO A 205 -3.26 15.64 2.05
N VAL A 206 -2.49 14.96 2.86
CA VAL A 206 -3.08 14.13 3.95
C VAL A 206 -2.85 14.88 5.24
N THR A 207 -3.94 15.21 5.91
CA THR A 207 -4.01 16.26 6.94
C THR A 207 -4.84 15.67 8.09
N ILE A 208 -4.50 16.04 9.33
CA ILE A 208 -5.29 15.77 10.54
C ILE A 208 -6.31 16.90 10.81
N PHE A 209 -6.51 17.82 9.88
CA PHE A 209 -7.49 18.94 10.02
C PHE A 209 -8.54 18.85 8.92
N LYS A 210 -9.77 19.25 9.23
CA LYS A 210 -10.89 19.26 8.27
C LYS A 210 -10.60 20.31 7.21
N THR A 211 -10.91 19.99 5.96
CA THR A 211 -10.77 20.86 4.77
C THR A 211 -12.03 21.69 4.59
N ASN A 212 -12.00 22.71 3.73
CA ASN A 212 -13.17 23.58 3.37
C ASN A 212 -13.81 23.04 2.10
N ASP A 213 -15.14 22.92 2.07
CA ASP A 213 -15.93 22.66 0.83
C ASP A 213 -15.81 23.85 -0.13
N ALA A 214 -15.55 25.06 0.39
CA ALA A 214 -15.36 26.33 -0.36
C ALA A 214 -14.16 26.18 -1.32
N GLN A 215 -13.04 25.71 -0.78
CA GLN A 215 -11.74 25.60 -1.51
C GLN A 215 -11.25 24.16 -1.36
N PRO A 216 -11.86 23.17 -2.07
CA PRO A 216 -11.61 21.75 -1.79
C PRO A 216 -10.11 21.48 -1.98
N PRO A 217 -9.50 20.55 -1.23
CA PRO A 217 -8.07 20.29 -1.35
C PRO A 217 -7.77 19.75 -2.77
N THR A 218 -6.54 19.98 -3.20
CA THR A 218 -6.03 19.70 -4.57
C THR A 218 -4.56 19.30 -4.41
N GLY A 219 -4.07 18.50 -5.34
CA GLY A 219 -2.69 17.98 -5.25
C GLY A 219 -2.12 17.79 -6.64
N PRO A 220 -0.80 17.53 -6.75
CA PRO A 220 -0.21 17.23 -8.05
C PRO A 220 -0.87 15.99 -8.68
N ARG A 221 -1.08 16.03 -9.99
CA ARG A 221 -1.52 14.91 -10.87
C ARG A 221 -0.31 13.97 -11.03
N VAL A 222 -0.26 12.86 -10.30
CA VAL A 222 0.89 11.92 -10.40
C VAL A 222 0.67 10.97 -11.60
N PHE A 223 -0.57 10.51 -11.81
CA PHE A 223 -0.89 9.56 -12.90
C PHE A 223 -2.14 10.04 -13.63
N SER A 224 -2.38 9.57 -14.84
CA SER A 224 -3.63 9.86 -15.56
C SER A 224 -4.77 9.23 -14.77
N PRO A 225 -6.03 9.70 -14.92
CA PRO A 225 -7.16 9.02 -14.29
C PRO A 225 -7.35 7.59 -14.80
N THR A 226 -7.10 7.33 -16.10
CA THR A 226 -7.30 5.99 -16.72
C THR A 226 -6.27 5.05 -16.08
N THR A 227 -5.07 5.55 -15.80
CA THR A 227 -4.02 4.76 -15.13
C THR A 227 -4.59 4.29 -13.78
N ALA A 228 -5.33 5.14 -13.10
CA ALA A 228 -5.70 4.93 -11.69
C ALA A 228 -6.87 3.97 -11.66
N ARG A 229 -7.82 4.14 -12.55
CA ARG A 229 -8.99 3.22 -12.60
C ARG A 229 -8.47 1.80 -12.88
N GLU A 230 -7.48 1.70 -13.77
CA GLU A 230 -6.97 0.39 -14.22
C GLU A 230 -6.22 -0.32 -13.09
N VAL A 231 -5.49 0.45 -12.29
CA VAL A 231 -4.77 -0.13 -11.13
C VAL A 231 -5.81 -0.51 -10.07
N ARG A 232 -6.87 0.29 -9.94
CA ARG A 232 -7.98 -0.06 -9.00
C ARG A 232 -8.58 -1.42 -9.39
N THR A 233 -8.85 -1.67 -10.68
CA THR A 233 -9.35 -3.00 -11.18
C THR A 233 -8.36 -4.10 -10.77
N MET A 234 -7.09 -3.84 -10.98
CA MET A 234 -6.06 -4.81 -10.58
C MET A 234 -6.04 -4.99 -9.05
N LEU A 235 -6.16 -3.93 -8.23
CA LEU A 235 -6.11 -4.13 -6.75
C LEU A 235 -7.30 -5.01 -6.32
N GLU A 236 -8.45 -4.83 -6.96
CA GLU A 236 -9.64 -5.67 -6.70
C GLU A 236 -9.31 -7.14 -7.05
N SER A 237 -8.56 -7.39 -8.11
CA SER A 237 -8.28 -8.79 -8.51
C SER A 237 -7.46 -9.48 -7.41
N VAL A 238 -6.67 -8.74 -6.62
CA VAL A 238 -5.79 -9.32 -5.55
C VAL A 238 -6.61 -10.06 -4.49
N VAL A 239 -7.82 -9.57 -4.22
CA VAL A 239 -8.66 -10.03 -3.08
C VAL A 239 -9.76 -10.93 -3.61
N SER A 240 -9.49 -11.59 -4.74
CA SER A 240 -10.29 -12.70 -5.29
C SER A 240 -9.62 -14.03 -4.93
N PRO A 241 -10.33 -15.15 -5.15
CA PRO A 241 -9.75 -16.48 -4.94
C PRO A 241 -8.45 -16.68 -5.71
N GLN A 242 -8.31 -16.07 -6.88
CA GLN A 242 -7.10 -16.16 -7.77
C GLN A 242 -6.02 -15.14 -7.37
N GLY A 243 -6.29 -14.19 -6.48
CA GLY A 243 -5.25 -13.26 -5.99
C GLY A 243 -4.44 -13.85 -4.85
N THR A 244 -3.38 -13.17 -4.41
CA THR A 244 -2.60 -13.57 -3.24
C THR A 244 -3.24 -13.09 -1.91
N SER A 245 -4.21 -12.17 -1.88
CA SER A 245 -4.75 -11.72 -0.57
C SER A 245 -6.25 -11.91 -0.47
N PRO A 246 -6.83 -13.12 -0.65
CA PRO A 246 -8.27 -13.33 -0.48
C PRO A 246 -8.78 -13.06 0.96
N ASN A 247 -7.89 -13.15 1.95
CA ASN A 247 -8.13 -12.90 3.40
C ASN A 247 -8.33 -11.39 3.68
N ALA A 248 -8.24 -10.53 2.66
CA ALA A 248 -8.53 -9.09 2.76
C ALA A 248 -9.97 -8.82 2.36
N ALA A 249 -10.68 -9.80 1.80
CA ALA A 249 -12.04 -9.60 1.23
C ALA A 249 -12.94 -9.08 2.34
N VAL A 250 -13.94 -8.28 1.98
CA VAL A 250 -14.85 -7.70 3.00
C VAL A 250 -16.27 -8.08 2.61
N PRO A 251 -16.92 -8.92 3.45
CA PRO A 251 -18.28 -9.34 3.15
C PRO A 251 -19.11 -8.08 2.87
N GLY A 252 -19.73 -8.03 1.70
CA GLY A 252 -20.75 -7.02 1.39
C GLY A 252 -20.20 -5.93 0.50
N TYR A 253 -18.86 -5.79 0.43
CA TYR A 253 -18.20 -4.68 -0.29
C TYR A 253 -17.12 -5.20 -1.24
N ARG A 254 -17.06 -4.55 -2.38
CA ARG A 254 -15.89 -4.63 -3.29
C ARG A 254 -14.75 -3.79 -2.70
N VAL A 255 -13.61 -4.44 -2.53
CA VAL A 255 -12.37 -3.85 -1.99
C VAL A 255 -11.18 -4.28 -2.87
N GLY A 256 -10.06 -3.59 -2.72
CA GLY A 256 -8.83 -3.89 -3.44
C GLY A 256 -7.67 -3.41 -2.60
N GLY A 257 -6.55 -4.08 -2.66
CA GLY A 257 -5.40 -3.68 -1.85
C GLY A 257 -4.24 -4.55 -2.22
N LYS A 258 -3.15 -4.38 -1.52
CA LYS A 258 -1.91 -5.11 -1.81
C LYS A 258 -1.21 -5.41 -0.49
N SER A 259 -0.63 -6.61 -0.39
CA SER A 259 0.14 -7.01 0.82
C SER A 259 1.64 -6.91 0.53
N GLY A 260 2.42 -6.70 1.58
CA GLY A 260 3.88 -6.82 1.53
C GLY A 260 4.47 -7.32 2.84
N THR A 261 5.70 -7.80 2.77
CA THR A 261 6.46 -8.34 3.90
C THR A 261 7.83 -7.67 3.94
N ALA A 262 8.22 -7.15 5.09
CA ALA A 262 9.60 -6.67 5.35
C ALA A 262 10.22 -7.62 6.40
N TYR A 263 11.42 -8.09 6.14
CA TYR A 263 12.15 -9.01 7.05
C TYR A 263 13.21 -8.17 7.76
N LYS A 264 13.58 -8.53 9.01
CA LYS A 264 14.65 -7.81 9.76
C LYS A 264 15.94 -7.90 8.96
N GLN A 265 16.50 -6.74 8.61
CA GLN A 265 17.84 -6.62 7.98
C GLN A 265 18.86 -7.17 8.99
N VAL A 266 19.97 -7.73 8.51
CA VAL A 266 21.15 -8.18 9.32
C VAL A 266 22.42 -7.62 8.64
N GLY A 267 22.39 -6.32 8.26
CA GLY A 267 23.43 -5.63 7.46
C GLY A 267 23.35 -5.97 5.97
N ARG A 268 23.44 -7.26 5.61
CA ARG A 268 23.45 -7.78 4.21
C ARG A 268 22.38 -8.87 4.01
N GLY A 269 21.99 -9.60 5.07
CA GLY A 269 21.04 -10.75 5.01
C GLY A 269 19.65 -10.39 5.54
N TYR A 270 18.88 -11.37 6.01
CA TYR A 270 17.46 -11.24 6.48
C TYR A 270 17.09 -12.39 7.45
N ASP A 271 16.57 -12.05 8.62
CA ASP A 271 16.26 -13.03 9.69
C ASP A 271 14.99 -13.85 9.37
N HIS A 272 14.85 -14.96 10.09
CA HIS A 272 13.91 -16.09 9.86
C HIS A 272 12.70 -15.97 10.78
N LYS A 273 11.55 -15.55 10.27
CA LYS A 273 10.29 -15.38 11.05
C LYS A 273 10.29 -14.05 11.81
N LYS A 274 11.33 -13.24 11.69
CA LYS A 274 11.26 -11.85 12.18
C LYS A 274 10.89 -10.95 10.99
N TYR A 275 9.58 -10.76 10.76
CA TYR A 275 9.08 -9.96 9.62
C TYR A 275 7.89 -9.04 10.00
N ARG A 276 7.63 -8.07 9.13
CA ARG A 276 6.52 -7.09 9.23
C ARG A 276 5.51 -7.32 8.11
N ALA A 277 4.27 -7.57 8.47
CA ALA A 277 3.19 -7.85 7.49
C ALA A 277 2.36 -6.58 7.32
N SER A 278 2.40 -5.97 6.14
CA SER A 278 1.67 -4.72 5.87
C SER A 278 0.67 -4.93 4.73
N PHE A 279 -0.41 -4.17 4.77
CA PHE A 279 -1.46 -4.20 3.75
C PHE A 279 -1.98 -2.77 3.55
N VAL A 280 -2.17 -2.37 2.29
CA VAL A 280 -2.78 -1.05 1.96
C VAL A 280 -3.81 -1.27 0.87
N GLY A 281 -4.99 -0.72 1.08
CA GLY A 281 -6.10 -0.79 0.12
C GLY A 281 -7.10 0.33 0.28
N MET A 282 -8.25 0.14 -0.36
CA MET A 282 -9.23 1.19 -0.54
C MET A 282 -10.55 0.48 -0.85
N ALA A 283 -11.68 1.12 -0.53
CA ALA A 283 -13.03 0.55 -0.63
C ALA A 283 -14.00 1.70 -0.58
N PRO A 284 -15.24 1.54 -1.11
CA PRO A 284 -15.58 0.38 -1.95
C PRO A 284 -15.11 0.64 -3.39
N MET A 285 -14.73 -0.39 -4.14
CA MET A 285 -14.42 -0.25 -5.60
C MET A 285 -15.71 -0.18 -6.43
N PRO A 286 -15.73 0.44 -7.62
CA PRO A 286 -14.53 1.02 -8.25
C PRO A 286 -14.19 2.46 -7.83
N ASN A 287 -15.03 3.15 -7.06
CA ASN A 287 -14.79 4.56 -6.62
C ASN A 287 -14.66 4.62 -5.11
N PRO A 288 -13.44 4.53 -4.57
CA PRO A 288 -13.28 4.36 -3.14
C PRO A 288 -13.60 5.62 -2.32
N ARG A 289 -14.06 5.40 -1.10
CA ARG A 289 -14.36 6.42 -0.09
C ARG A 289 -13.13 6.50 0.85
N ILE A 290 -12.52 5.36 1.15
CA ILE A 290 -11.45 5.31 2.18
C ILE A 290 -10.28 4.51 1.62
N VAL A 291 -9.08 4.93 2.01
CA VAL A 291 -7.86 4.13 1.94
C VAL A 291 -7.56 3.66 3.36
N VAL A 292 -7.21 2.38 3.50
CA VAL A 292 -6.88 1.82 4.84
C VAL A 292 -5.51 1.17 4.74
N ALA A 293 -4.63 1.48 5.69
CA ALA A 293 -3.29 0.89 5.76
C ALA A 293 -3.11 0.24 7.14
N VAL A 294 -2.52 -0.94 7.13
CA VAL A 294 -2.33 -1.76 8.35
C VAL A 294 -0.94 -2.35 8.29
N SER A 295 -0.23 -2.32 9.42
CA SER A 295 1.10 -2.95 9.56
C SER A 295 1.20 -3.66 10.94
N VAL A 296 1.57 -4.94 10.95
CA VAL A 296 1.73 -5.77 12.19
C VAL A 296 3.20 -6.22 12.22
N ASP A 297 3.95 -5.70 13.18
CA ASP A 297 5.39 -5.97 13.28
C ASP A 297 5.61 -7.23 14.10
N GLU A 298 6.42 -8.17 13.56
CA GLU A 298 6.94 -9.40 14.21
C GLU A 298 5.85 -10.13 14.93
N PRO A 299 4.83 -10.59 14.18
CA PRO A 299 3.83 -11.51 14.71
C PRO A 299 4.48 -12.88 14.93
N THR A 300 3.92 -13.69 15.81
CA THR A 300 4.58 -14.96 16.22
C THR A 300 3.59 -16.13 16.19
N THR A 301 2.28 -15.89 16.04
CA THR A 301 1.27 -16.98 16.01
C THR A 301 0.30 -16.69 14.87
N GLY A 302 0.78 -16.84 13.62
CA GLY A 302 0.02 -16.71 12.37
C GLY A 302 -1.35 -17.42 12.37
N GLY A 303 -1.44 -18.67 12.88
CA GLY A 303 -2.67 -19.50 12.82
C GLY A 303 -3.06 -19.86 11.40
N HIS A 304 -4.33 -19.65 11.01
CA HIS A 304 -4.92 -19.94 9.66
C HIS A 304 -4.49 -18.92 8.59
N PHE A 305 -3.90 -17.79 8.98
CA PHE A 305 -3.52 -16.66 8.06
C PHE A 305 -2.03 -16.75 7.71
N GLY A 306 -1.24 -17.54 8.47
CA GLY A 306 0.23 -17.76 8.31
C GLY A 306 1.03 -16.48 8.54
N GLY A 307 1.66 -15.96 7.48
CA GLY A 307 2.37 -14.66 7.41
C GLY A 307 1.47 -13.47 7.03
N GLN A 308 0.33 -13.70 6.36
CA GLN A 308 -0.63 -12.67 5.81
C GLN A 308 -1.67 -12.27 6.87
N VAL A 309 -1.19 -11.68 7.99
CA VAL A 309 -1.96 -11.36 9.22
C VAL A 309 -2.62 -9.99 9.07
N SER A 310 -2.11 -9.12 8.20
CA SER A 310 -2.55 -7.70 8.04
C SER A 310 -3.87 -7.62 7.23
N GLY A 311 -4.05 -8.48 6.21
CA GLY A 311 -5.24 -8.50 5.33
C GLY A 311 -6.57 -8.60 6.08
N PRO A 312 -6.68 -9.53 7.04
CA PRO A 312 -7.92 -9.64 7.82
C PRO A 312 -8.13 -8.42 8.74
N VAL A 313 -7.07 -7.77 9.20
CA VAL A 313 -7.21 -6.53 10.02
C VAL A 313 -7.75 -5.41 9.13
N PHE A 314 -7.18 -5.23 7.92
CA PHE A 314 -7.73 -4.35 6.85
C PHE A 314 -9.21 -4.66 6.67
N SER A 315 -9.52 -5.95 6.48
CA SER A 315 -10.92 -6.40 6.23
C SER A 315 -11.88 -5.89 7.32
N ALA A 316 -11.54 -6.18 8.56
CA ALA A 316 -12.39 -5.82 9.74
C ALA A 316 -12.55 -4.30 9.82
N ILE A 317 -11.45 -3.54 9.75
CA ILE A 317 -11.50 -2.05 9.82
C ILE A 317 -12.38 -1.52 8.66
N VAL A 318 -12.21 -2.07 7.47
CA VAL A 318 -12.93 -1.54 6.29
C VAL A 318 -14.43 -1.75 6.46
N GLY A 319 -14.88 -2.99 6.73
CA GLY A 319 -16.31 -3.24 6.97
C GLY A 319 -16.84 -2.37 8.12
N ASP A 320 -16.15 -2.32 9.26
CA ASP A 320 -16.73 -1.57 10.40
C ASP A 320 -16.82 -0.11 9.96
N THR A 321 -15.79 0.40 9.29
CA THR A 321 -15.72 1.84 8.99
C THR A 321 -16.81 2.21 7.98
N LEU A 322 -16.99 1.37 6.96
CA LEU A 322 -17.96 1.65 5.89
C LEU A 322 -19.37 1.56 6.49
N ARG A 323 -19.65 0.53 7.31
CA ARG A 323 -20.95 0.50 8.08
C ARG A 323 -21.14 1.80 8.89
N ALA A 324 -20.16 2.19 9.72
CA ALA A 324 -20.10 3.45 10.50
C ALA A 324 -20.33 4.70 9.64
N LEU A 325 -20.02 4.69 8.35
CA LEU A 325 -20.24 5.82 7.41
C LEU A 325 -21.59 5.67 6.68
N ASN A 326 -22.38 4.65 7.00
CA ASN A 326 -23.66 4.31 6.30
C ASN A 326 -23.41 4.16 4.78
N VAL A 327 -22.33 3.48 4.40
CA VAL A 327 -22.12 3.15 2.97
C VAL A 327 -22.81 1.83 2.72
N PRO A 328 -23.76 1.76 1.75
CA PRO A 328 -24.49 0.52 1.47
C PRO A 328 -23.61 -0.56 0.85
N PRO A 329 -23.76 -1.84 1.24
CA PRO A 329 -23.11 -2.94 0.51
C PRO A 329 -23.29 -2.75 -1.00
N ASN A 330 -22.21 -2.96 -1.77
CA ASN A 330 -22.15 -2.83 -3.26
C ASN A 330 -21.82 -4.21 -3.84
N MET A 331 -21.96 -5.27 -3.03
CA MET A 331 -21.69 -6.66 -3.43
C MET A 331 -22.79 -7.52 -2.82
N PRO A 332 -23.27 -8.58 -3.54
CA PRO A 332 -24.08 -9.64 -2.93
C PRO A 332 -23.42 -10.42 -1.77
#